data_2WIK
#
_entry.id   2WIK
#
_cell.length_a   155.240
_cell.length_b   155.240
_cell.length_c   127.250
_cell.angle_alpha   90.00
_cell.angle_beta   90.00
_cell.angle_gamma   90.00
#
_symmetry.space_group_name_H-M   'I 4 2 2'
#
loop_
_entity.id
_entity.type
_entity.pdbx_description
1 polymer CHOLINESTERASE
2 branched 2-acetamido-2-deoxy-beta-D-glucopyranose-(1-4)-[beta-L-fucopyranose-(1-6)]2-acetamido-2-deoxy-beta-D-glucopyranose
3 branched beta-L-fucopyranose-(1-6)-2-acetamido-2-deoxy-beta-D-glucopyranose
4 non-polymer 'ETHYL HYDROGEN PROPYLAMIDOPHOSPHATE'
5 non-polymer 'CHLORIDE ION'
6 non-polymer 'SULFATE ION'
7 non-polymer 'SODIUM ION'
8 non-polymer 2-acetamido-2-deoxy-beta-D-glucopyranose
9 water water
#
_entity_poly.entity_id   1
_entity_poly.type   'polypeptide(L)'
_entity_poly.pdbx_seq_one_letter_code
;EDDIIIATKNGKVRGMQLTVFGGTVTAFLGIPYAQPPLGRLRFKKPQSLTKWSDIWNATKYANSCCQNIDQSFPGFHGSE
MWNPNTDLSEDCLYLNVWIPAPKPKNATVLIWIYGGGFQTGTSSLHVYDGKFLARVERVIVVSMNYRVGALGFLALPGNP
EAPGNMGLFDQQLALQWVQKNIAAFGGNPKSVTLFGESAGAASVSLHLLSPGSHSLFTRAILQSGSFNAPWAVTSLYEAR
NRTLNLAKLTGCSRENETEIIKCLRNKDPQEILLNEAFVVPYGTPLSVNFGPTVDGDFLTDMPDILLELGQFKKTQILVG
VNKDEGTAFLVYGAPGFSKDNNSIITRKEFQEGLKIFFPGVSEFGKESILFHYTDWVDDQRPENYREALGDVVGDYNFIC
PALEFTKKFSEWGNNAFFYYFEHRSSKLPWPEWMGVMHGYEIEFVFGLPLERRDQYTKAEEILSRSIVKRWANFAKYGNP
QETQNNSTSWPVFKSTEQKYLTLNTESTRIMTKLRAQQCRFWTSFFPKV
;
_entity_poly.pdbx_strand_id   A
#
loop_
_chem_comp.id
_chem_comp.type
_chem_comp.name
_chem_comp.formula
CL non-polymer 'CHLORIDE ION' 'Cl -1'
FUL L-saccharide, beta linking beta-L-fucopyranose 'C6 H12 O5'
NA non-polymer 'SODIUM ION' 'Na 1'
NAG D-saccharide, beta linking 2-acetamido-2-deoxy-beta-D-glucopyranose 'C8 H15 N O6'
SO4 non-polymer 'SULFATE ION' 'O4 S -2'
TC5 non-polymer 'ETHYL HYDROGEN PROPYLAMIDOPHOSPHATE' 'C5 H14 N O3 P'
#
# COMPACT_ATOMS: atom_id res chain seq x y z
N ASP A 3 11.65 17.46 28.09
CA ASP A 3 10.35 17.94 27.49
C ASP A 3 10.51 18.64 26.12
N ILE A 4 9.85 18.08 25.10
CA ILE A 4 10.31 18.36 23.75
C ILE A 4 9.22 18.98 22.90
N ILE A 5 9.34 20.29 22.66
CA ILE A 5 8.33 21.04 21.98
C ILE A 5 8.99 21.56 20.76
N ILE A 6 8.25 21.68 19.67
CA ILE A 6 8.81 22.11 18.39
C ILE A 6 7.76 22.96 17.84
N ALA A 7 8.03 24.13 17.26
CA ALA A 7 6.94 24.98 16.75
C ALA A 7 6.66 24.81 15.30
N THR A 8 5.40 24.68 14.90
CA THR A 8 5.09 24.44 13.47
C THR A 8 4.36 25.62 12.84
N LYS A 9 4.33 25.78 11.50
CA LYS A 9 3.51 26.83 10.90
C LYS A 9 2.17 26.99 11.64
N ASN A 10 1.63 25.92 12.21
CA ASN A 10 0.24 25.88 12.64
C ASN A 10 0.11 25.92 14.11
N GLY A 11 1.23 25.89 14.80
CA GLY A 11 1.20 25.89 16.20
C GLY A 11 2.32 25.01 16.72
N LYS A 12 2.33 24.86 18.05
CA LYS A 12 3.36 24.15 18.76
C LYS A 12 2.93 22.68 18.99
N VAL A 13 3.88 21.78 19.12
CA VAL A 13 3.47 20.47 19.47
C VAL A 13 4.44 19.81 20.41
N ARG A 14 3.96 19.07 21.41
CA ARG A 14 4.87 18.35 22.27
C ARG A 14 4.92 16.85 21.99
N GLY A 15 6.09 16.26 22.05
CA GLY A 15 6.25 14.85 21.67
C GLY A 15 6.55 14.02 22.88
N MET A 16 7.15 12.88 22.74
CA MET A 16 7.32 12.05 23.87
C MET A 16 8.62 11.31 23.62
N GLN A 17 9.36 10.84 24.63
CA GLN A 17 10.70 10.25 24.44
C GLN A 17 10.55 8.76 24.48
N LEU A 18 11.40 8.01 23.82
CA LEU A 18 11.23 6.57 23.79
C LEU A 18 12.57 5.86 23.82
N THR A 19 12.66 4.80 24.58
CA THR A 19 13.96 4.23 24.66
C THR A 19 13.85 3.23 23.67
N VAL A 20 14.78 3.25 22.75
CA VAL A 20 14.79 2.18 21.80
C VAL A 20 16.21 1.74 21.70
N PHE A 21 16.47 0.44 21.77
CA PHE A 21 17.85 -0.10 21.71
C PHE A 21 18.94 0.72 22.44
N GLY A 22 18.72 0.98 23.72
CA GLY A 22 19.62 1.79 24.52
C GLY A 22 19.84 3.20 23.96
N GLY A 23 18.81 3.81 23.39
CA GLY A 23 19.05 5.12 22.79
C GLY A 23 17.72 5.75 22.90
N THR A 24 17.59 6.94 22.36
CA THR A 24 16.31 7.58 22.39
C THR A 24 15.77 8.11 21.08
N VAL A 25 14.49 7.89 20.81
CA VAL A 25 13.84 8.48 19.65
C VAL A 25 12.70 9.31 20.21
N THR A 26 12.37 10.47 19.63
CA THR A 26 11.21 11.32 19.95
C THR A 26 10.03 11.14 18.94
N ALA A 27 8.84 10.75 19.45
CA ALA A 27 7.68 10.39 18.61
C ALA A 27 6.73 11.51 18.76
N PHE A 28 6.28 12.08 17.67
CA PHE A 28 5.10 12.93 17.77
C PHE A 28 3.95 12.27 17.06
N LEU A 29 3.10 11.59 17.82
CA LEU A 29 1.97 10.87 17.31
C LEU A 29 0.66 11.71 17.24
N GLY A 30 -0.15 11.51 16.18
CA GLY A 30 -1.34 12.28 15.98
C GLY A 30 -1.22 13.81 15.89
N ILE A 31 -0.37 14.34 15.01
CA ILE A 31 -0.44 15.83 14.75
C ILE A 31 -1.44 16.03 13.66
N PRO A 32 -2.39 16.99 13.80
CA PRO A 32 -3.38 17.02 12.73
C PRO A 32 -2.76 17.71 11.53
N TYR A 33 -3.35 17.57 10.36
CA TYR A 33 -2.68 18.04 9.17
C TYR A 33 -3.68 18.61 8.19
N ALA A 34 -4.99 18.38 8.42
CA ALA A 34 -6.08 19.14 7.75
C ALA A 34 -7.26 19.42 8.75
N GLN A 35 -8.16 20.29 8.37
CA GLN A 35 -9.46 20.51 9.04
CA GLN A 35 -9.38 20.49 9.14
C GLN A 35 -10.20 19.21 9.03
N PRO A 36 -10.88 18.81 10.15
CA PRO A 36 -11.56 17.47 10.08
C PRO A 36 -12.69 17.37 8.95
N PRO A 37 -12.77 16.27 8.22
CA PRO A 37 -13.68 16.41 7.07
C PRO A 37 -15.09 15.96 7.38
N LEU A 38 -15.79 16.78 8.18
CA LEU A 38 -17.13 16.45 8.69
C LEU A 38 -18.24 17.25 8.10
N GLY A 39 -19.43 16.69 8.09
CA GLY A 39 -20.51 17.60 7.77
C GLY A 39 -20.49 18.12 6.35
N ARG A 40 -20.28 19.41 6.18
CA ARG A 40 -20.18 19.99 4.81
C ARG A 40 -18.93 19.44 4.08
N LEU A 41 -17.87 19.13 4.83
CA LEU A 41 -16.60 18.55 4.34
C LEU A 41 -16.58 17.05 3.89
N ARG A 42 -17.54 16.24 4.37
CA ARG A 42 -17.54 14.87 4.02
C ARG A 42 -17.54 14.80 2.52
N PHE A 43 -16.69 13.98 1.92
CA PHE A 43 -16.59 13.76 0.44
C PHE A 43 -15.78 14.79 -0.39
N LYS A 44 -15.30 15.84 0.28
CA LYS A 44 -14.59 16.88 -0.38
C LYS A 44 -13.09 16.78 -0.09
N LYS A 45 -12.30 17.36 -1.00
CA LYS A 45 -10.85 17.57 -0.81
C LYS A 45 -10.64 18.14 0.58
N PRO A 46 -9.51 17.79 1.24
CA PRO A 46 -9.13 18.25 2.58
C PRO A 46 -8.81 19.70 2.52
N GLN A 47 -8.98 20.43 3.63
CA GLN A 47 -8.86 21.86 3.67
C GLN A 47 -7.82 22.19 4.65
N SER A 48 -7.29 23.39 4.46
CA SER A 48 -6.30 24.09 5.27
C SER A 48 -6.43 23.86 6.72
N LEU A 49 -5.35 23.43 7.35
CA LEU A 49 -5.41 23.40 8.81
C LEU A 49 -5.27 24.83 9.27
N THR A 50 -6.32 25.22 9.99
CA THR A 50 -6.60 26.55 10.50
C THR A 50 -5.58 27.11 11.50
N LYS A 51 -5.14 26.31 12.49
CA LYS A 51 -3.99 26.71 13.37
C LYS A 51 -4.32 27.02 14.86
N TRP A 52 -3.58 26.42 15.80
CA TRP A 52 -3.82 26.62 17.25
C TRP A 52 -2.67 27.35 18.02
N SER A 53 -3.00 28.34 18.86
CA SER A 53 -2.15 28.65 20.04
C SER A 53 -2.38 27.54 21.08
N ASP A 54 -1.79 27.70 22.26
CA ASP A 54 -1.56 26.51 23.12
C ASP A 54 -0.62 25.49 22.39
N ILE A 55 -0.41 24.34 23.05
CA ILE A 55 0.53 23.33 22.66
C ILE A 55 -0.29 22.08 22.39
N TRP A 56 -0.28 21.52 21.17
CA TRP A 56 -0.88 20.20 20.90
C TRP A 56 -0.06 19.11 21.50
N ASN A 57 -0.64 18.20 22.26
CA ASN A 57 0.13 17.01 22.68
C ASN A 57 0.07 15.83 21.69
N ALA A 58 1.21 15.41 21.16
CA ALA A 58 1.19 14.44 20.12
C ALA A 58 1.86 13.25 20.76
N THR A 59 1.13 12.65 21.70
CA THR A 59 1.69 11.71 22.67
C THR A 59 0.85 10.45 22.54
N LYS A 60 -0.23 10.48 21.77
CA LYS A 60 -0.91 9.22 21.38
C LYS A 60 -1.30 9.13 19.88
N TYR A 61 -1.39 7.92 19.30
CA TYR A 61 -2.00 7.78 17.99
C TYR A 61 -3.41 8.29 17.89
N ALA A 62 -3.84 8.84 16.77
CA ALA A 62 -5.14 9.45 16.74
C ALA A 62 -6.14 8.48 16.18
N ASN A 63 -7.34 8.94 15.89
CA ASN A 63 -8.34 8.04 15.39
C ASN A 63 -7.93 7.49 13.99
N SER A 64 -8.29 6.24 13.67
CA SER A 64 -8.27 5.77 12.26
C SER A 64 -9.48 6.21 11.42
N CYS A 65 -9.34 6.35 10.12
CA CYS A 65 -10.59 6.69 9.41
C CYS A 65 -11.64 5.58 9.47
N CYS A 66 -12.86 5.97 9.12
CA CYS A 66 -13.95 5.05 9.17
C CYS A 66 -13.67 3.93 8.26
N GLN A 67 -13.88 2.73 8.74
CA GLN A 67 -13.78 1.62 7.72
C GLN A 67 -14.40 0.31 8.21
N ASN A 68 -14.73 -0.62 7.27
CA ASN A 68 -15.12 -1.93 7.61
C ASN A 68 -13.95 -2.71 8.11
N ILE A 69 -14.19 -3.65 9.00
CA ILE A 69 -13.16 -4.45 9.63
C ILE A 69 -13.18 -5.87 9.10
N ASP A 70 -12.06 -6.57 9.14
CA ASP A 70 -12.08 -8.02 8.77
C ASP A 70 -12.53 -8.97 9.97
N GLN A 71 -13.70 -9.62 9.86
CA GLN A 71 -14.21 -10.50 10.93
C GLN A 71 -14.23 -11.93 10.50
N SER A 72 -13.43 -12.27 9.51
CA SER A 72 -13.36 -13.64 9.03
C SER A 72 -12.76 -14.53 10.07
N PHE A 73 -11.76 -14.09 10.83
CA PHE A 73 -11.12 -15.00 11.76
C PHE A 73 -11.04 -14.49 13.20
N PRO A 74 -12.18 -14.16 13.85
CA PRO A 74 -12.04 -13.38 15.12
C PRO A 74 -11.11 -14.12 16.07
N GLY A 75 -10.18 -13.43 16.69
CA GLY A 75 -9.22 -14.05 17.64
C GLY A 75 -7.94 -14.57 17.04
N PHE A 76 -7.94 -14.63 15.72
CA PHE A 76 -6.76 -14.96 14.94
C PHE A 76 -5.84 -13.76 14.69
N HIS A 77 -4.62 -13.79 15.26
CA HIS A 77 -3.57 -12.78 15.02
C HIS A 77 -3.23 -12.53 13.50
N GLY A 78 -2.99 -13.60 12.72
CA GLY A 78 -2.84 -13.50 11.28
C GLY A 78 -3.63 -12.35 10.71
N SER A 79 -4.95 -12.30 10.92
CA SER A 79 -5.80 -11.29 10.28
C SER A 79 -6.01 -10.09 11.10
N GLU A 80 -6.11 -10.34 12.40
CA GLU A 80 -6.43 -9.24 13.25
C GLU A 80 -5.31 -8.30 13.43
N MET A 81 -4.08 -8.73 13.26
CA MET A 81 -3.02 -7.73 13.28
C MET A 81 -3.16 -6.60 12.25
N TRP A 82 -4.08 -6.70 11.29
CA TRP A 82 -4.29 -5.66 10.19
C TRP A 82 -5.48 -4.70 10.50
N ASN A 83 -6.24 -5.07 11.54
CA ASN A 83 -7.48 -4.31 11.88
C ASN A 83 -7.01 -3.14 12.66
N PRO A 84 -7.75 -2.06 12.58
CA PRO A 84 -7.34 -0.83 13.20
C PRO A 84 -7.35 -0.93 14.69
N ASN A 85 -6.49 -0.13 15.32
CA ASN A 85 -6.21 -0.35 16.65
C ASN A 85 -6.29 0.98 17.39
N THR A 86 -7.10 1.89 16.89
CA THR A 86 -7.48 3.12 17.57
C THR A 86 -8.91 3.35 17.07
N ASP A 87 -9.79 4.11 17.78
CA ASP A 87 -11.21 4.30 17.35
C ASP A 87 -11.24 4.80 16.00
N LEU A 88 -12.32 4.42 15.31
CA LEU A 88 -12.64 4.83 13.97
C LEU A 88 -13.36 6.16 14.09
N SER A 89 -13.19 7.10 13.17
CA SER A 89 -13.96 8.29 13.37
C SER A 89 -13.78 9.01 12.05
N GLU A 90 -14.74 9.77 11.54
CA GLU A 90 -14.44 10.64 10.39
C GLU A 90 -13.31 11.62 10.64
N ASP A 91 -12.98 11.79 11.93
CA ASP A 91 -12.01 12.84 12.23
C ASP A 91 -10.70 12.09 12.48
N CYS A 92 -9.94 11.92 11.39
CA CYS A 92 -8.90 10.91 11.35
C CYS A 92 -7.65 11.49 10.50
N LEU A 93 -7.66 12.81 10.18
CA LEU A 93 -6.60 13.34 9.34
C LEU A 93 -5.43 13.88 10.19
N TYR A 94 -4.48 13.00 10.54
CA TYR A 94 -3.38 13.21 11.54
C TYR A 94 -2.18 12.43 10.96
N LEU A 95 -0.96 12.80 11.35
CA LEU A 95 0.25 12.07 10.90
C LEU A 95 1.12 11.94 12.15
N ASN A 96 2.12 11.10 12.08
CA ASN A 96 3.04 10.88 13.13
C ASN A 96 4.40 11.27 12.55
N VAL A 97 5.28 11.72 13.45
CA VAL A 97 6.66 11.93 13.07
C VAL A 97 7.60 11.24 14.05
N TRP A 98 8.64 10.57 13.57
CA TRP A 98 9.57 9.97 14.51
C TRP A 98 10.91 10.53 14.18
N ILE A 99 11.57 11.12 15.17
CA ILE A 99 12.87 11.69 14.97
C ILE A 99 13.95 11.03 15.88
N PRO A 100 15.20 10.97 15.34
CA PRO A 100 16.27 10.47 16.14
C PRO A 100 16.52 11.53 17.26
N ALA A 101 17.05 11.11 18.41
CA ALA A 101 17.56 11.99 19.46
C ALA A 101 19.00 11.66 19.63
N PRO A 102 19.88 12.68 19.56
CA PRO A 102 19.57 14.11 19.43
C PRO A 102 19.01 14.49 18.07
N LYS A 103 18.19 15.54 18.08
CA LYS A 103 17.54 16.06 16.92
C LYS A 103 18.54 16.16 15.81
N PRO A 104 18.20 15.63 14.62
CA PRO A 104 19.25 15.50 13.64
C PRO A 104 19.35 16.86 13.06
N LYS A 105 20.28 17.03 12.12
CA LYS A 105 20.50 18.31 11.62
C LYS A 105 19.82 18.44 10.24
N ASN A 106 19.93 17.46 9.33
CA ASN A 106 19.28 17.71 8.05
C ASN A 106 18.94 16.32 7.54
N ALA A 107 18.04 15.65 8.23
CA ALA A 107 17.80 14.20 8.05
C ALA A 107 17.05 13.94 6.78
N THR A 108 17.37 12.82 6.13
CA THR A 108 16.39 12.26 5.13
C THR A 108 15.04 11.75 5.74
N VAL A 109 13.95 12.05 5.02
CA VAL A 109 12.58 11.73 5.39
C VAL A 109 11.99 10.55 4.56
N LEU A 110 11.61 9.44 5.27
CA LEU A 110 10.79 8.31 4.78
C LEU A 110 9.28 8.56 5.12
N ILE A 111 8.40 8.59 4.10
CA ILE A 111 6.99 8.80 4.40
C ILE A 111 6.30 7.58 4.01
N TRP A 112 5.73 6.89 4.99
CA TRP A 112 4.96 5.58 4.69
C TRP A 112 3.50 5.82 4.33
N ILE A 113 2.98 5.18 3.28
CA ILE A 113 1.58 5.16 2.92
C ILE A 113 1.07 3.76 3.08
N TYR A 114 0.15 3.49 4.05
CA TYR A 114 -0.23 2.07 4.36
C TYR A 114 -1.11 1.58 3.20
N GLY A 115 -1.19 0.26 2.96
CA GLY A 115 -2.17 -0.21 2.06
C GLY A 115 -3.41 -0.77 2.89
N GLY A 116 -4.22 -1.57 2.26
CA GLY A 116 -5.49 -1.80 2.84
C GLY A 116 -6.51 -1.84 1.71
N GLY A 117 -6.10 -2.10 0.47
CA GLY A 117 -7.14 -2.12 -0.62
C GLY A 117 -7.89 -0.81 -0.97
N PHE A 118 -7.42 0.30 -0.41
CA PHE A 118 -8.08 1.61 -0.46
C PHE A 118 -9.37 1.56 0.37
N GLN A 119 -9.63 0.45 1.09
CA GLN A 119 -10.94 0.31 1.74
C GLN A 119 -10.63 0.32 3.26
N THR A 120 -9.38 0.03 3.61
CA THR A 120 -8.99 -0.11 4.97
C THR A 120 -7.54 0.35 5.22
N GLY A 121 -7.18 0.57 6.52
CA GLY A 121 -5.81 0.48 7.01
C GLY A 121 -5.62 1.64 7.94
N THR A 122 -4.53 1.65 8.68
CA THR A 122 -4.30 2.80 9.60
C THR A 122 -2.78 2.88 9.80
N SER A 123 -2.25 4.11 9.96
CA SER A 123 -0.85 4.27 10.18
C SER A 123 -0.40 3.90 11.52
N SER A 124 -1.25 3.42 12.43
CA SER A 124 -0.81 3.11 13.82
C SER A 124 -0.60 1.61 14.07
N LEU A 125 -0.69 0.74 13.06
CA LEU A 125 -0.34 -0.61 13.20
C LEU A 125 1.09 -0.75 13.69
N HIS A 126 1.26 -1.84 14.45
CA HIS A 126 2.46 -2.10 15.14
C HIS A 126 3.56 -2.32 14.04
N VAL A 127 3.18 -2.87 12.85
CA VAL A 127 4.18 -3.35 11.82
C VAL A 127 4.61 -2.14 11.07
N TYR A 128 3.98 -0.97 11.32
CA TYR A 128 4.33 0.31 10.73
C TYR A 128 5.00 1.30 11.72
N ASP A 129 5.53 0.79 12.80
CA ASP A 129 6.09 1.67 13.82
C ASP A 129 7.42 2.22 13.42
N GLY A 130 7.51 3.52 13.23
CA GLY A 130 8.71 4.09 12.72
C GLY A 130 9.88 4.31 13.64
N LYS A 131 9.83 3.82 14.86
CA LYS A 131 10.94 4.17 15.78
C LYS A 131 12.19 3.30 15.57
N PHE A 132 12.07 2.05 15.10
CA PHE A 132 13.31 1.37 14.75
C PHE A 132 14.10 2.12 13.65
N LEU A 133 13.47 2.48 12.51
CA LEU A 133 14.17 3.18 11.43
C LEU A 133 14.97 4.43 11.90
N ALA A 134 14.30 5.23 12.73
CA ALA A 134 14.79 6.51 13.22
C ALA A 134 15.92 6.19 14.24
N ARG A 135 15.68 5.22 15.14
CA ARG A 135 16.79 4.87 16.01
C ARG A 135 18.07 4.44 15.19
N VAL A 136 17.91 3.39 14.34
CA VAL A 136 19.00 2.69 13.66
C VAL A 136 19.59 3.43 12.45
N GLU A 137 18.76 4.11 11.64
CA GLU A 137 19.35 4.79 10.55
C GLU A 137 19.32 6.30 10.74
N ARG A 138 18.76 6.81 11.85
CA ARG A 138 18.76 8.27 12.03
C ARG A 138 18.24 8.95 10.76
N VAL A 139 17.26 8.35 10.14
CA VAL A 139 16.29 9.09 9.37
C VAL A 139 15.09 9.53 10.19
N ILE A 140 14.36 10.47 9.61
CA ILE A 140 13.01 10.69 10.08
C ILE A 140 11.96 9.90 9.31
N VAL A 141 10.93 9.44 10.06
CA VAL A 141 9.81 8.66 9.54
C VAL A 141 8.48 9.40 9.81
N VAL A 142 7.73 9.66 8.76
CA VAL A 142 6.41 10.26 8.83
C VAL A 142 5.44 9.24 8.24
N SER A 143 4.23 9.11 8.85
CA SER A 143 3.11 8.35 8.28
C SER A 143 1.81 9.12 8.53
N MET A 144 0.80 8.96 7.66
CA MET A 144 -0.46 9.66 7.68
C MET A 144 -1.67 8.70 7.60
N ASN A 145 -2.69 9.00 8.39
CA ASN A 145 -4.00 8.49 8.06
C ASN A 145 -4.65 9.28 6.90
N TYR A 146 -5.29 8.53 5.93
CA TYR A 146 -5.96 9.19 4.82
C TYR A 146 -7.30 8.40 4.69
N ARG A 147 -8.42 9.11 4.33
CA ARG A 147 -9.75 8.56 4.04
C ARG A 147 -9.74 7.37 3.09
N VAL A 148 -10.51 6.35 3.39
CA VAL A 148 -10.50 5.09 2.65
C VAL A 148 -12.01 4.79 2.41
N GLY A 149 -12.33 3.93 1.47
CA GLY A 149 -13.67 3.50 1.17
C GLY A 149 -14.42 4.63 0.53
N ALA A 150 -15.77 4.56 0.51
CA ALA A 150 -16.50 5.62 -0.12
C ALA A 150 -16.18 6.98 0.47
N LEU A 151 -16.00 7.08 1.77
CA LEU A 151 -15.75 8.36 2.31
C LEU A 151 -14.46 9.02 1.76
N GLY A 152 -13.53 8.20 1.20
CA GLY A 152 -12.27 8.75 0.57
C GLY A 152 -12.18 8.66 -0.97
N PHE A 153 -13.05 7.91 -1.62
CA PHE A 153 -12.84 7.73 -3.05
C PHE A 153 -14.17 7.72 -3.84
N LEU A 154 -15.32 7.94 -3.13
CA LEU A 154 -16.59 8.25 -3.84
C LEU A 154 -16.37 9.31 -4.95
N ALA A 155 -16.84 9.00 -6.14
CA ALA A 155 -16.80 9.93 -7.23
C ALA A 155 -18.09 10.04 -8.06
N LEU A 156 -18.36 11.30 -8.39
CA LEU A 156 -19.37 11.67 -9.29
C LEU A 156 -18.55 12.68 -10.08
N PRO A 157 -18.06 12.28 -11.28
CA PRO A 157 -16.90 13.07 -11.81
C PRO A 157 -17.23 14.53 -12.19
N GLY A 158 -16.23 15.40 -12.07
CA GLY A 158 -16.45 16.84 -12.31
C GLY A 158 -17.10 17.66 -11.21
N ASN A 159 -18.02 17.04 -10.49
CA ASN A 159 -18.64 17.60 -9.30
C ASN A 159 -17.80 17.76 -8.02
N PRO A 160 -17.36 19.00 -7.60
CA PRO A 160 -16.46 19.12 -6.42
C PRO A 160 -17.06 18.72 -5.08
N GLU A 161 -18.31 18.27 -5.09
CA GLU A 161 -18.98 17.91 -3.81
C GLU A 161 -18.54 16.52 -3.46
N ALA A 162 -18.11 15.80 -4.51
CA ALA A 162 -17.60 14.43 -4.48
C ALA A 162 -16.72 14.22 -5.70
N PRO A 163 -15.50 14.75 -5.65
CA PRO A 163 -14.82 14.69 -6.97
C PRO A 163 -14.10 13.37 -7.24
N GLY A 164 -13.80 12.60 -6.19
CA GLY A 164 -13.09 11.37 -6.34
C GLY A 164 -11.72 11.60 -5.76
N ASN A 165 -10.96 10.48 -5.53
CA ASN A 165 -9.57 10.62 -5.12
C ASN A 165 -9.39 11.45 -3.84
N MET A 166 -10.44 11.67 -3.09
CA MET A 166 -10.22 12.46 -1.83
C MET A 166 -9.05 11.97 -0.98
N GLY A 167 -8.93 10.66 -0.82
CA GLY A 167 -7.86 10.16 0.06
C GLY A 167 -6.43 10.34 -0.44
N LEU A 168 -6.27 10.23 -1.77
CA LEU A 168 -5.06 10.57 -2.50
C LEU A 168 -4.68 12.08 -2.20
N PHE A 169 -5.65 13.02 -2.23
CA PHE A 169 -5.31 14.43 -1.79
C PHE A 169 -5.09 14.60 -0.25
N ASP A 170 -5.70 13.78 0.58
CA ASP A 170 -5.26 13.79 1.93
C ASP A 170 -3.74 13.35 1.94
N GLN A 171 -3.36 12.23 1.26
CA GLN A 171 -1.93 11.86 1.21
C GLN A 171 -1.18 13.12 0.75
N GLN A 172 -1.69 13.79 -0.28
CA GLN A 172 -0.93 14.89 -0.88
C GLN A 172 -0.73 16.02 0.06
N LEU A 173 -1.72 16.27 0.91
CA LEU A 173 -1.65 17.45 1.78
C LEU A 173 -0.74 17.10 2.94
N ALA A 174 -0.60 15.82 3.25
CA ALA A 174 0.39 15.46 4.21
C ALA A 174 1.80 15.67 3.72
N LEU A 175 2.09 15.30 2.47
CA LEU A 175 3.45 15.57 1.86
C LEU A 175 3.70 17.12 1.86
N GLN A 176 2.67 17.96 1.63
CA GLN A 176 2.82 19.40 1.69
C GLN A 176 3.17 19.76 3.11
N TRP A 177 2.61 19.06 4.11
CA TRP A 177 2.80 19.45 5.49
C TRP A 177 4.29 19.19 5.88
N VAL A 178 4.90 18.14 5.32
CA VAL A 178 6.26 17.84 5.59
C VAL A 178 7.12 18.88 4.86
N GLN A 179 6.77 19.20 3.62
CA GLN A 179 7.48 20.28 2.88
C GLN A 179 7.52 21.54 3.79
N LYS A 180 6.35 22.10 4.13
CA LYS A 180 6.30 23.21 5.12
C LYS A 180 6.92 23.02 6.53
N ASN A 181 6.92 21.83 7.13
CA ASN A 181 7.20 21.83 8.52
C ASN A 181 8.33 21.01 8.93
N ILE A 182 8.83 20.17 8.08
CA ILE A 182 9.77 19.15 8.63
C ILE A 182 11.15 19.69 9.06
N ALA A 183 11.54 20.89 8.61
CA ALA A 183 12.92 21.32 8.86
C ALA A 183 12.98 21.65 10.32
N ALA A 184 11.85 22.03 10.91
CA ALA A 184 11.73 22.30 12.38
C ALA A 184 12.02 21.12 13.31
N PHE A 185 11.74 19.91 12.83
CA PHE A 185 12.07 18.68 13.53
C PHE A 185 13.45 18.15 13.12
N GLY A 186 14.11 18.87 12.21
CA GLY A 186 15.44 18.51 11.81
C GLY A 186 15.52 17.81 10.45
N GLY A 187 14.47 17.92 9.63
CA GLY A 187 14.33 17.05 8.47
C GLY A 187 14.84 17.82 7.29
N ASN A 188 15.33 17.14 6.25
CA ASN A 188 15.51 17.78 4.93
C ASN A 188 14.35 17.64 3.96
N PRO A 189 13.54 18.71 3.77
CA PRO A 189 12.42 18.58 2.82
C PRO A 189 12.83 18.22 1.34
N LYS A 190 14.14 18.42 1.03
CA LYS A 190 14.74 18.13 -0.29
C LYS A 190 15.18 16.69 -0.41
N SER A 191 15.12 15.96 0.72
CA SER A 191 15.32 14.56 0.67
C SER A 191 14.20 13.78 1.32
N VAL A 192 13.07 13.61 0.62
CA VAL A 192 11.93 12.82 0.98
C VAL A 192 11.71 11.54 0.10
N THR A 193 11.63 10.32 0.70
CA THR A 193 11.31 9.12 -0.11
C THR A 193 9.93 8.67 0.33
N LEU A 194 9.00 8.45 -0.63
CA LEU A 194 7.71 7.91 -0.26
C LEU A 194 7.91 6.43 -0.25
N PHE A 195 7.24 5.71 0.67
CA PHE A 195 7.24 4.25 0.63
C PHE A 195 5.95 3.67 1.01
N GLY A 196 5.62 2.45 0.49
CA GLY A 196 4.27 1.93 0.71
C GLY A 196 4.06 0.56 0.24
N GLU A 197 3.00 -0.11 0.74
CA GLU A 197 2.77 -1.47 0.40
C GLU A 197 1.37 -1.65 -0.18
N SER A 198 1.27 -2.53 -1.18
CA SER A 198 -0.02 -2.83 -1.81
C SER A 198 -0.71 -1.52 -2.21
N ALA A 199 -1.88 -1.18 -1.69
CA ALA A 199 -2.54 0.11 -2.12
C ALA A 199 -1.74 1.29 -1.75
N GLY A 200 -0.94 1.15 -0.66
CA GLY A 200 -0.06 2.29 -0.40
C GLY A 200 1.06 2.45 -1.48
N ALA A 201 1.57 1.37 -1.98
CA ALA A 201 2.52 1.35 -3.17
C ALA A 201 1.78 1.90 -4.40
N ALA A 202 0.56 1.42 -4.70
CA ALA A 202 -0.21 1.98 -5.80
C ALA A 202 -0.27 3.47 -5.61
N SER A 203 -0.59 3.92 -4.39
CA SER A 203 -0.66 5.33 -4.14
C SER A 203 0.67 6.04 -4.53
N VAL A 204 1.79 5.47 -4.13
CA VAL A 204 3.14 6.07 -4.36
C VAL A 204 3.33 6.22 -5.89
N SER A 205 2.86 5.25 -6.58
CA SER A 205 3.06 5.21 -8.01
C SER A 205 2.26 6.32 -8.65
N LEU A 206 1.08 6.64 -8.12
CA LEU A 206 0.23 7.67 -8.73
C LEU A 206 0.80 9.03 -8.27
N HIS A 207 1.59 9.05 -7.19
CA HIS A 207 2.05 10.40 -6.84
C HIS A 207 3.17 10.69 -7.85
N LEU A 208 3.86 9.66 -8.33
CA LEU A 208 4.79 9.81 -9.41
C LEU A 208 4.12 10.33 -10.64
N LEU A 209 2.88 9.97 -10.90
CA LEU A 209 2.20 10.55 -12.06
C LEU A 209 1.52 11.90 -11.81
N SER A 210 1.35 12.33 -10.58
CA SER A 210 0.47 13.46 -10.32
C SER A 210 1.29 14.73 -10.28
N PRO A 211 0.88 15.72 -11.09
CA PRO A 211 1.75 16.88 -11.11
C PRO A 211 1.77 17.64 -9.78
N GLY A 212 0.70 17.56 -9.00
CA GLY A 212 0.57 18.33 -7.80
C GLY A 212 1.49 17.73 -6.77
N SER A 213 1.94 16.46 -6.94
CA SER A 213 2.92 15.81 -6.01
C SER A 213 4.39 15.94 -6.44
N HIS A 214 4.59 16.46 -7.66
CA HIS A 214 5.79 16.21 -8.32
C HIS A 214 6.83 16.91 -7.43
N SER A 215 6.49 18.03 -6.77
CA SER A 215 7.60 18.70 -6.06
C SER A 215 7.57 18.49 -4.56
N LEU A 216 6.76 17.52 -4.04
CA LEU A 216 6.63 17.24 -2.58
C LEU A 216 7.48 15.99 -2.22
N PHE A 217 8.23 15.45 -3.18
CA PHE A 217 9.15 14.36 -2.77
C PHE A 217 10.25 14.09 -3.74
N THR A 218 11.28 13.31 -3.38
CA THR A 218 12.42 13.09 -4.19
C THR A 218 12.41 11.70 -4.88
N ARG A 219 12.07 10.66 -4.13
CA ARG A 219 12.17 9.31 -4.66
C ARG A 219 11.01 8.41 -4.13
N ALA A 220 10.93 7.15 -4.61
CA ALA A 220 9.78 6.33 -4.40
C ALA A 220 10.12 4.87 -4.24
N ILE A 221 9.51 4.30 -3.21
CA ILE A 221 9.52 2.85 -2.99
C ILE A 221 8.18 2.14 -3.14
N LEU A 222 8.18 1.06 -3.95
CA LEU A 222 6.95 0.35 -4.26
C LEU A 222 6.92 -1.09 -3.82
N GLN A 223 6.32 -1.33 -2.62
CA GLN A 223 6.18 -2.73 -2.11
C GLN A 223 4.92 -3.47 -2.46
N SER A 224 5.05 -4.58 -3.19
CA SER A 224 3.85 -5.35 -3.60
C SER A 224 2.68 -4.46 -4.09
N GLY A 225 2.90 -3.59 -5.08
CA GLY A 225 1.81 -2.73 -5.54
C GLY A 225 2.23 -1.71 -6.61
N SER A 226 1.34 -1.35 -7.56
CA SER A 226 1.62 -0.23 -8.48
C SER A 226 0.30 0.05 -9.13
N PHE A 227 0.09 1.30 -9.65
CA PHE A 227 -1.24 1.65 -10.11
C PHE A 227 -1.76 0.85 -11.31
N ASN A 228 -0.92 0.14 -12.05
CA ASN A 228 -1.41 -0.64 -13.16
C ASN A 228 -1.82 -1.98 -12.63
N ALA A 229 -1.94 -2.14 -11.30
CA ALA A 229 -2.50 -3.45 -10.94
C ALA A 229 -4.00 -3.49 -11.27
N PRO A 230 -4.56 -4.68 -11.58
CA PRO A 230 -5.95 -4.63 -12.04
C PRO A 230 -6.96 -4.14 -10.99
N TRP A 231 -6.59 -4.15 -9.70
CA TRP A 231 -7.54 -3.67 -8.69
C TRP A 231 -7.27 -2.20 -8.40
N ALA A 232 -6.31 -1.51 -9.04
CA ALA A 232 -5.93 -0.20 -8.42
C ALA A 232 -6.62 1.05 -8.90
N VAL A 233 -7.19 1.02 -10.10
CA VAL A 233 -7.87 2.24 -10.55
C VAL A 233 -9.32 1.90 -10.99
N THR A 234 -10.30 2.73 -10.67
CA THR A 234 -11.71 2.50 -11.05
C THR A 234 -12.01 3.30 -12.30
N SER A 235 -12.73 2.71 -13.27
CA SER A 235 -13.05 3.46 -14.54
C SER A 235 -14.13 4.47 -14.22
N LEU A 236 -14.21 5.61 -14.92
CA LEU A 236 -15.32 6.57 -14.66
C LEU A 236 -16.70 5.94 -14.77
N TYR A 237 -16.88 5.05 -15.76
CA TYR A 237 -18.14 4.24 -15.85
C TYR A 237 -18.45 3.66 -14.48
N GLU A 238 -17.65 2.69 -14.03
CA GLU A 238 -18.03 1.99 -12.82
C GLU A 238 -18.17 2.94 -11.65
N ALA A 239 -17.41 3.98 -11.63
CA ALA A 239 -17.50 4.88 -10.50
C ALA A 239 -18.85 5.53 -10.28
N ARG A 240 -19.44 6.13 -11.33
CA ARG A 240 -20.83 6.62 -11.25
C ARG A 240 -21.78 5.48 -11.02
N ASN A 241 -21.70 4.39 -11.77
CA ASN A 241 -22.55 3.27 -11.39
C ASN A 241 -22.57 3.04 -9.84
N ARG A 242 -21.42 3.26 -9.18
CA ARG A 242 -21.24 2.78 -7.84
C ARG A 242 -21.73 3.84 -6.90
N THR A 243 -21.39 5.07 -7.22
CA THR A 243 -21.92 6.19 -6.50
C THR A 243 -23.43 6.15 -6.49
N LEU A 244 -24.07 5.81 -7.60
CA LEU A 244 -25.56 5.73 -7.68
C LEU A 244 -26.12 4.48 -7.12
N ASN A 245 -25.45 3.36 -7.33
CA ASN A 245 -25.86 2.20 -6.53
C ASN A 245 -25.83 2.43 -5.02
N LEU A 246 -24.80 3.12 -4.51
CA LEU A 246 -24.75 3.56 -3.13
C LEU A 246 -25.96 4.46 -2.83
N ALA A 247 -26.30 5.40 -3.72
CA ALA A 247 -27.41 6.36 -3.53
C ALA A 247 -28.66 5.56 -3.39
N LYS A 248 -29.00 4.81 -4.43
CA LYS A 248 -30.05 3.80 -4.31
C LYS A 248 -30.04 3.23 -2.86
N LEU A 249 -29.19 2.22 -2.63
CA LEU A 249 -29.09 1.53 -1.34
C LEU A 249 -29.25 2.40 -0.08
N THR A 250 -29.00 3.68 -0.11
CA THR A 250 -29.25 4.45 1.13
C THR A 250 -30.49 5.36 0.99
N GLY A 251 -31.46 4.88 0.17
CA GLY A 251 -32.49 5.76 -0.42
C GLY A 251 -32.05 7.21 -0.62
N CYS A 252 -31.10 7.45 -1.53
CA CYS A 252 -30.67 8.81 -1.75
C CYS A 252 -30.73 9.11 -3.22
N SER A 253 -31.22 8.16 -4.04
CA SER A 253 -31.31 8.44 -5.49
C SER A 253 -32.02 9.77 -5.67
N ARG A 254 -31.52 10.63 -6.54
CA ARG A 254 -32.08 11.95 -6.64
C ARG A 254 -31.99 12.20 -8.12
N GLU A 255 -32.12 13.44 -8.51
CA GLU A 255 -32.07 13.76 -9.91
C GLU A 255 -30.99 14.84 -9.98
N ASN A 256 -30.95 15.67 -8.96
CA ASN A 256 -29.89 16.63 -8.88
C ASN A 256 -28.78 15.84 -8.21
N GLU A 257 -27.59 15.93 -8.79
CA GLU A 257 -26.49 15.14 -8.27
C GLU A 257 -25.95 15.80 -7.06
N THR A 258 -25.90 17.13 -6.99
CA THR A 258 -25.49 17.77 -5.73
C THR A 258 -26.46 17.44 -4.62
N GLU A 259 -27.58 16.85 -5.01
CA GLU A 259 -28.64 16.42 -4.14
C GLU A 259 -28.32 15.01 -3.68
N ILE A 260 -27.89 14.17 -4.59
CA ILE A 260 -27.52 12.86 -4.07
C ILE A 260 -26.48 13.02 -2.96
N ILE A 261 -25.51 13.91 -3.18
CA ILE A 261 -24.38 14.08 -2.26
C ILE A 261 -24.86 14.70 -1.02
N LYS A 262 -25.70 15.71 -1.17
CA LYS A 262 -26.21 16.38 0.00
C LYS A 262 -26.97 15.37 0.87
N CYS A 263 -27.78 14.53 0.23
CA CYS A 263 -28.41 13.43 0.94
C CYS A 263 -27.41 12.52 1.71
N LEU A 264 -26.42 12.00 0.94
CA LEU A 264 -25.39 11.08 1.42
C LEU A 264 -24.57 11.68 2.55
N ARG A 265 -24.48 12.99 2.59
CA ARG A 265 -23.77 13.66 3.60
C ARG A 265 -24.60 13.70 4.88
N ASN A 266 -25.80 13.13 4.84
CA ASN A 266 -26.62 13.05 6.04
C ASN A 266 -26.61 11.68 6.63
N LYS A 267 -26.46 10.64 5.84
CA LYS A 267 -26.39 9.32 6.42
C LYS A 267 -25.33 9.17 7.53
N ASP A 268 -25.58 8.35 8.55
CA ASP A 268 -24.55 8.03 9.54
C ASP A 268 -23.47 7.15 8.79
N PRO A 269 -22.19 7.37 9.13
CA PRO A 269 -21.03 6.56 8.76
C PRO A 269 -21.30 5.02 8.52
N GLN A 270 -22.02 4.39 9.47
CA GLN A 270 -22.22 2.93 9.55
C GLN A 270 -23.04 2.55 8.41
N GLU A 271 -23.86 3.47 7.96
CA GLU A 271 -24.77 3.12 6.89
C GLU A 271 -24.15 3.12 5.49
N ILE A 272 -23.28 4.10 5.25
CA ILE A 272 -22.38 4.12 4.11
C ILE A 272 -21.49 2.89 4.14
N LEU A 273 -20.86 2.59 5.28
CA LEU A 273 -19.93 1.44 5.34
C LEU A 273 -20.59 0.12 5.03
N LEU A 274 -21.82 0.06 5.57
CA LEU A 274 -22.65 -1.13 5.56
C LEU A 274 -23.12 -1.45 4.17
N ASN A 275 -23.31 -0.43 3.36
CA ASN A 275 -23.62 -0.65 1.95
C ASN A 275 -22.48 -0.68 0.91
N GLU A 276 -21.28 -0.36 1.31
CA GLU A 276 -20.20 -0.32 0.36
C GLU A 276 -20.04 -1.61 -0.42
N ALA A 277 -20.16 -2.75 0.29
CA ALA A 277 -19.87 -4.07 -0.22
C ALA A 277 -20.78 -4.37 -1.39
N PHE A 278 -21.98 -3.82 -1.37
CA PHE A 278 -22.99 -4.13 -2.44
C PHE A 278 -23.13 -3.10 -3.62
N VAL A 279 -22.30 -2.09 -3.67
CA VAL A 279 -22.37 -1.14 -4.80
C VAL A 279 -22.05 -1.81 -6.15
N VAL A 280 -21.96 -3.15 -6.13
CA VAL A 280 -21.25 -4.00 -7.11
C VAL A 280 -21.92 -5.41 -7.08
N PRO A 281 -22.24 -5.99 -8.27
CA PRO A 281 -23.08 -7.22 -8.44
C PRO A 281 -22.38 -8.54 -8.05
N TYR A 282 -21.42 -9.02 -8.82
CA TYR A 282 -20.40 -9.99 -8.30
C TYR A 282 -19.31 -9.05 -7.60
N GLY A 283 -18.52 -9.55 -6.65
CA GLY A 283 -17.32 -8.91 -6.18
C GLY A 283 -16.31 -10.03 -5.84
N THR A 284 -15.12 -9.69 -5.41
CA THR A 284 -14.18 -10.75 -5.16
C THR A 284 -13.31 -10.42 -3.95
N PRO A 285 -12.47 -11.39 -3.54
CA PRO A 285 -11.67 -11.12 -2.33
C PRO A 285 -10.69 -10.01 -2.58
N LEU A 286 -10.52 -9.56 -3.81
CA LEU A 286 -9.63 -8.52 -4.09
C LEU A 286 -10.40 -7.35 -4.58
N SER A 287 -11.71 -7.26 -4.32
CA SER A 287 -12.47 -6.03 -4.72
C SER A 287 -12.03 -4.71 -4.16
N VAL A 288 -12.05 -3.69 -5.00
CA VAL A 288 -11.80 -2.39 -4.57
C VAL A 288 -12.95 -1.52 -5.02
N ASN A 289 -13.98 -1.34 -4.19
CA ASN A 289 -15.22 -0.83 -4.71
C ASN A 289 -15.06 0.63 -4.89
N PHE A 290 -14.29 1.30 -4.03
CA PHE A 290 -14.12 2.73 -4.13
C PHE A 290 -12.67 2.99 -4.18
N GLY A 291 -12.11 3.19 -5.40
CA GLY A 291 -10.74 3.63 -5.56
C GLY A 291 -10.40 4.87 -6.32
N PRO A 292 -9.11 4.99 -6.61
CA PRO A 292 -8.65 6.11 -7.44
C PRO A 292 -9.37 6.19 -8.78
N THR A 293 -9.57 7.39 -9.25
CA THR A 293 -10.13 7.53 -10.55
C THR A 293 -9.44 8.64 -11.24
N VAL A 294 -9.63 8.65 -12.56
CA VAL A 294 -9.15 9.73 -13.33
C VAL A 294 -10.13 10.91 -13.05
N ASP A 295 -9.75 11.88 -12.23
CA ASP A 295 -10.66 12.94 -11.87
C ASP A 295 -10.37 14.24 -12.65
N GLY A 296 -9.41 14.26 -13.56
CA GLY A 296 -8.99 15.51 -14.20
C GLY A 296 -8.24 16.44 -13.25
N ASP A 297 -7.98 15.98 -12.03
CA ASP A 297 -7.34 16.88 -11.08
C ASP A 297 -6.09 16.16 -10.55
N PHE A 298 -6.24 15.11 -9.72
CA PHE A 298 -5.06 14.47 -9.17
C PHE A 298 -4.50 13.71 -10.34
N LEU A 299 -5.38 13.17 -11.18
CA LEU A 299 -4.93 12.32 -12.21
C LEU A 299 -5.53 12.78 -13.52
N THR A 300 -4.71 13.41 -14.35
CA THR A 300 -5.18 14.06 -15.54
C THR A 300 -5.42 13.15 -16.76
N ASP A 301 -5.17 11.83 -16.75
CA ASP A 301 -5.55 11.04 -17.95
C ASP A 301 -5.47 9.59 -17.53
N MET A 302 -5.92 8.62 -18.27
CA MET A 302 -5.65 7.28 -17.85
C MET A 302 -4.22 7.01 -17.56
N PRO A 303 -3.94 6.42 -16.40
CA PRO A 303 -2.52 6.42 -16.01
C PRO A 303 -1.67 5.44 -16.93
N ASP A 304 -2.28 4.44 -17.52
CA ASP A 304 -1.54 3.57 -18.38
C ASP A 304 -0.94 4.41 -19.56
N ILE A 305 -1.64 5.45 -19.98
CA ILE A 305 -1.23 6.29 -21.15
C ILE A 305 -0.06 7.13 -20.69
N LEU A 306 -0.22 7.73 -19.49
CA LEU A 306 0.77 8.62 -18.90
C LEU A 306 2.10 7.83 -18.69
N LEU A 307 1.95 6.57 -18.23
CA LEU A 307 3.08 5.62 -18.04
C LEU A 307 3.81 5.38 -19.37
N GLU A 308 3.09 4.85 -20.35
CA GLU A 308 3.62 4.51 -21.70
C GLU A 308 4.35 5.68 -22.34
N LEU A 309 3.96 6.92 -22.07
CA LEU A 309 4.34 8.09 -22.91
C LEU A 309 5.20 8.93 -22.10
N GLY A 310 5.64 8.36 -21.01
CA GLY A 310 6.78 8.88 -20.24
C GLY A 310 6.45 10.10 -19.46
N GLN A 311 5.17 10.30 -19.13
CA GLN A 311 4.81 11.46 -18.40
C GLN A 311 4.68 11.12 -16.89
N PHE A 312 5.72 11.38 -16.09
CA PHE A 312 5.74 11.06 -14.69
C PHE A 312 7.06 11.64 -14.14
N LYS A 313 7.12 11.90 -12.84
CA LYS A 313 8.34 12.32 -12.20
C LYS A 313 9.57 11.45 -12.57
N LYS A 314 10.63 12.11 -13.02
CA LYS A 314 11.88 11.37 -13.38
C LYS A 314 12.80 11.30 -12.15
N THR A 315 12.98 10.11 -11.55
CA THR A 315 13.74 9.95 -10.29
C THR A 315 13.92 8.43 -10.18
N GLN A 316 14.55 7.95 -9.11
CA GLN A 316 14.85 6.48 -9.04
C GLN A 316 13.68 5.82 -8.34
N ILE A 317 13.42 4.51 -8.55
CA ILE A 317 12.36 3.80 -7.91
C ILE A 317 12.95 2.47 -7.44
N LEU A 318 12.42 1.92 -6.32
CA LEU A 318 12.81 0.62 -5.85
C LEU A 318 11.47 -0.10 -5.80
N VAL A 319 11.35 -1.22 -6.50
CA VAL A 319 10.08 -1.95 -6.57
C VAL A 319 10.27 -3.33 -6.16
N GLY A 320 9.32 -3.95 -5.51
CA GLY A 320 9.54 -5.37 -5.19
C GLY A 320 8.22 -6.10 -5.02
N VAL A 321 8.33 -7.43 -4.98
CA VAL A 321 7.19 -8.30 -4.62
C VAL A 321 7.67 -9.49 -3.80
N ASN A 322 6.71 -10.09 -3.06
CA ASN A 322 6.93 -11.24 -2.30
C ASN A 322 6.64 -12.39 -3.14
N LYS A 323 7.32 -13.42 -2.75
CA LYS A 323 7.21 -14.72 -3.43
C LYS A 323 5.86 -15.41 -3.47
N ASP A 324 5.08 -15.42 -2.40
CA ASP A 324 3.72 -15.90 -2.50
C ASP A 324 2.63 -14.84 -2.30
N GLU A 325 2.65 -13.81 -3.05
CA GLU A 325 1.61 -12.79 -2.94
C GLU A 325 0.18 -13.37 -2.98
N GLY A 326 -0.07 -14.30 -3.89
CA GLY A 326 -1.49 -14.57 -4.01
C GLY A 326 -2.18 -15.41 -2.91
N THR A 327 -1.43 -16.24 -2.15
CA THR A 327 -1.98 -17.16 -1.13
C THR A 327 -2.98 -16.57 -0.11
N ALA A 328 -2.81 -15.33 0.28
CA ALA A 328 -3.51 -14.85 1.51
C ALA A 328 -5.01 -14.73 1.12
N PHE A 329 -5.32 -14.61 -0.19
CA PHE A 329 -6.72 -14.20 -0.54
C PHE A 329 -7.51 -15.42 -0.80
N LEU A 330 -6.85 -16.56 -0.81
CA LEU A 330 -7.57 -17.84 -1.20
C LEU A 330 -8.46 -18.31 -0.10
N VAL A 331 -8.01 -18.17 1.15
CA VAL A 331 -8.86 -18.54 2.31
C VAL A 331 -10.04 -17.56 2.61
N TYR A 332 -10.18 -16.52 1.79
CA TYR A 332 -11.36 -15.70 1.82
C TYR A 332 -12.37 -16.06 0.72
N GLY A 333 -12.50 -17.31 0.27
CA GLY A 333 -13.59 -17.51 -0.67
C GLY A 333 -13.40 -18.64 -1.64
N ALA A 334 -12.21 -19.22 -1.73
CA ALA A 334 -11.98 -20.20 -2.75
C ALA A 334 -12.35 -21.49 -2.10
N PRO A 335 -13.23 -22.25 -2.79
CA PRO A 335 -13.76 -23.49 -2.21
C PRO A 335 -12.60 -24.43 -2.02
N GLY A 336 -12.51 -25.15 -0.90
CA GLY A 336 -11.38 -26.09 -0.64
C GLY A 336 -10.27 -25.55 0.22
N PHE A 337 -10.22 -24.21 0.36
CA PHE A 337 -9.06 -23.55 1.01
C PHE A 337 -9.34 -23.33 2.50
N SER A 338 -8.33 -23.56 3.34
CA SER A 338 -8.49 -23.24 4.75
C SER A 338 -7.20 -22.82 5.35
N LYS A 339 -7.18 -21.86 6.27
CA LYS A 339 -5.91 -21.65 7.04
C LYS A 339 -5.65 -22.82 8.01
N ASP A 340 -6.73 -23.56 8.33
CA ASP A 340 -6.71 -24.65 9.34
C ASP A 340 -6.52 -26.07 8.81
N ASN A 341 -6.14 -26.23 7.54
CA ASN A 341 -5.70 -27.55 6.98
C ASN A 341 -4.85 -27.24 5.77
N ASN A 342 -4.40 -28.21 5.03
CA ASN A 342 -3.48 -27.88 3.92
C ASN A 342 -4.08 -27.68 2.50
N SER A 343 -5.40 -27.61 2.38
CA SER A 343 -6.02 -27.01 1.24
C SER A 343 -5.67 -27.68 -0.11
N ILE A 344 -5.41 -29.01 -0.10
CA ILE A 344 -5.09 -29.72 -1.33
C ILE A 344 -6.37 -29.63 -2.11
N ILE A 345 -6.50 -28.77 -3.11
CA ILE A 345 -7.83 -28.73 -3.75
C ILE A 345 -7.80 -29.61 -4.99
N THR A 346 -8.96 -29.97 -5.51
CA THR A 346 -8.97 -30.68 -6.81
C THR A 346 -9.05 -29.75 -8.08
N ARG A 347 -8.78 -30.37 -9.22
CA ARG A 347 -8.98 -29.71 -10.45
C ARG A 347 -10.32 -29.00 -10.54
N LYS A 348 -11.38 -29.66 -10.08
CA LYS A 348 -12.74 -29.05 -10.28
C LYS A 348 -12.91 -27.86 -9.37
N GLU A 349 -12.29 -27.97 -8.18
CA GLU A 349 -12.19 -26.89 -7.14
C GLU A 349 -11.39 -25.64 -7.67
N PHE A 350 -10.22 -25.94 -8.28
CA PHE A 350 -9.40 -24.91 -9.00
C PHE A 350 -10.26 -24.17 -9.99
N GLN A 351 -10.97 -24.96 -10.81
CA GLN A 351 -11.91 -24.30 -11.76
C GLN A 351 -12.91 -23.40 -11.12
N GLU A 352 -13.40 -23.84 -9.97
CA GLU A 352 -14.41 -23.05 -9.20
C GLU A 352 -13.77 -21.77 -8.65
N GLY A 353 -12.52 -21.96 -8.20
CA GLY A 353 -11.68 -20.86 -7.71
C GLY A 353 -11.59 -19.74 -8.71
N LEU A 354 -11.26 -20.07 -9.98
CA LEU A 354 -11.28 -19.08 -11.07
C LEU A 354 -12.57 -18.39 -11.18
N LYS A 355 -13.68 -19.11 -11.05
CA LYS A 355 -14.98 -18.34 -10.96
C LYS A 355 -15.05 -17.26 -9.85
N ILE A 356 -14.60 -17.62 -8.61
CA ILE A 356 -14.50 -16.64 -7.50
C ILE A 356 -13.55 -15.51 -7.86
N PHE A 357 -12.35 -15.81 -8.36
CA PHE A 357 -11.43 -14.74 -8.62
C PHE A 357 -11.62 -13.97 -9.96
N PHE A 358 -12.27 -14.62 -10.93
CA PHE A 358 -12.50 -13.98 -12.26
C PHE A 358 -14.00 -13.95 -12.74
N PRO A 359 -14.82 -13.28 -11.93
CA PRO A 359 -16.24 -13.09 -11.95
C PRO A 359 -16.81 -12.74 -13.29
N GLY A 360 -16.32 -11.74 -13.99
CA GLY A 360 -17.03 -11.70 -15.25
C GLY A 360 -16.41 -11.37 -16.58
N VAL A 361 -15.31 -11.93 -17.07
CA VAL A 361 -14.79 -13.24 -17.07
C VAL A 361 -15.26 -14.30 -17.95
N SER A 362 -15.09 -14.07 -19.26
CA SER A 362 -15.61 -14.96 -20.26
C SER A 362 -15.16 -16.37 -19.98
N GLU A 363 -15.95 -17.32 -20.34
CA GLU A 363 -15.47 -18.74 -20.19
C GLU A 363 -14.11 -19.05 -20.83
N PHE A 364 -13.84 -18.42 -21.99
CA PHE A 364 -12.56 -18.68 -22.77
C PHE A 364 -11.45 -18.01 -21.96
N GLY A 365 -11.72 -16.80 -21.43
CA GLY A 365 -10.78 -16.16 -20.48
C GLY A 365 -10.39 -17.22 -19.44
N LYS A 366 -11.36 -17.70 -18.74
CA LYS A 366 -11.02 -18.58 -17.66
C LYS A 366 -10.29 -19.83 -18.11
N GLU A 367 -10.66 -20.43 -19.28
CA GLU A 367 -9.98 -21.70 -19.68
C GLU A 367 -8.54 -21.39 -20.00
N SER A 368 -8.32 -20.18 -20.52
CA SER A 368 -6.99 -19.88 -20.96
C SER A 368 -6.01 -19.72 -19.78
N ILE A 369 -6.54 -19.16 -18.67
CA ILE A 369 -5.79 -19.22 -17.41
C ILE A 369 -5.54 -20.67 -17.00
N LEU A 370 -6.60 -21.52 -16.99
CA LEU A 370 -6.37 -22.90 -16.66
C LEU A 370 -5.30 -23.42 -17.58
N PHE A 371 -5.45 -23.19 -18.88
CA PHE A 371 -4.49 -23.75 -19.82
C PHE A 371 -3.04 -23.37 -19.52
N HIS A 372 -2.80 -22.06 -19.31
CA HIS A 372 -1.49 -21.55 -18.95
CA HIS A 372 -1.47 -21.65 -19.04
C HIS A 372 -0.98 -22.20 -17.64
N TYR A 373 -1.82 -22.19 -16.60
CA TYR A 373 -1.27 -22.59 -15.32
C TYR A 373 -1.33 -24.03 -14.97
N THR A 374 -1.89 -24.88 -15.81
CA THR A 374 -2.08 -26.25 -15.30
C THR A 374 -1.46 -27.31 -16.16
N ASP A 375 -0.52 -26.96 -17.01
CA ASP A 375 0.14 -28.03 -17.70
C ASP A 375 1.50 -28.23 -16.99
N TRP A 376 1.64 -29.34 -16.26
CA TRP A 376 2.83 -29.47 -15.46
C TRP A 376 3.67 -30.68 -15.70
N VAL A 377 4.71 -30.64 -14.88
CA VAL A 377 5.88 -31.45 -14.92
C VAL A 377 6.16 -31.84 -13.44
N ASP A 378 5.51 -32.88 -12.89
CA ASP A 378 4.37 -33.55 -13.56
C ASP A 378 3.08 -33.90 -12.75
N ASP A 379 2.04 -34.34 -13.48
CA ASP A 379 0.65 -34.54 -13.00
C ASP A 379 0.50 -35.28 -11.68
N GLN A 380 1.64 -35.60 -11.08
CA GLN A 380 1.77 -36.40 -9.88
C GLN A 380 1.44 -35.76 -8.48
N ARG A 381 2.17 -34.69 -8.18
CA ARG A 381 2.11 -33.93 -6.94
C ARG A 381 0.70 -33.49 -6.51
N PRO A 382 0.23 -33.87 -5.31
CA PRO A 382 -1.16 -33.47 -4.97
C PRO A 382 -1.41 -31.96 -4.79
N GLU A 383 -0.40 -31.18 -4.49
CA GLU A 383 -0.68 -29.79 -4.20
C GLU A 383 -0.52 -28.94 -5.43
N ASN A 384 -0.61 -29.61 -6.59
CA ASN A 384 -0.44 -28.98 -7.93
C ASN A 384 -1.48 -27.96 -8.13
N TYR A 385 -2.72 -28.35 -7.99
CA TYR A 385 -3.73 -27.35 -8.14
C TYR A 385 -3.80 -26.17 -7.10
N ARG A 386 -3.41 -26.49 -5.86
CA ARG A 386 -3.36 -25.52 -4.79
C ARG A 386 -2.34 -24.40 -5.06
N GLU A 387 -1.16 -24.80 -5.54
CA GLU A 387 -0.10 -23.86 -5.86
C GLU A 387 -0.45 -23.06 -7.05
N ALA A 388 -1.11 -23.71 -8.03
CA ALA A 388 -1.42 -23.00 -9.27
C ALA A 388 -2.37 -21.85 -8.98
N LEU A 389 -3.36 -22.06 -8.11
CA LEU A 389 -4.28 -20.98 -7.86
C LEU A 389 -3.66 -19.84 -7.08
N GLY A 390 -2.72 -20.13 -6.22
CA GLY A 390 -2.05 -19.01 -5.65
C GLY A 390 -1.25 -18.21 -6.66
N ASP A 391 -0.43 -18.86 -7.52
CA ASP A 391 0.22 -18.19 -8.62
C ASP A 391 -0.68 -17.38 -9.55
N VAL A 392 -1.81 -17.91 -10.01
CA VAL A 392 -2.75 -17.09 -10.84
C VAL A 392 -2.93 -15.76 -10.12
N VAL A 393 -3.15 -15.86 -8.83
CA VAL A 393 -3.63 -14.67 -8.13
C VAL A 393 -2.47 -13.76 -7.83
N GLY A 394 -1.37 -14.30 -7.35
CA GLY A 394 -0.19 -13.42 -7.18
C GLY A 394 0.19 -12.76 -8.50
N ASP A 395 0.34 -13.58 -9.57
CA ASP A 395 1.05 -13.03 -10.80
C ASP A 395 0.13 -12.06 -11.42
N TYR A 396 -1.12 -12.39 -11.44
CA TYR A 396 -2.06 -11.45 -12.09
C TYR A 396 -2.21 -10.10 -11.37
N ASN A 397 -2.36 -10.17 -10.07
CA ASN A 397 -2.78 -9.03 -9.22
C ASN A 397 -1.58 -8.16 -8.76
N PHE A 398 -0.43 -8.77 -8.56
CA PHE A 398 0.72 -8.06 -8.02
C PHE A 398 2.06 -8.15 -8.84
N ILE A 399 2.48 -9.36 -9.16
CA ILE A 399 3.84 -9.55 -9.65
C ILE A 399 3.99 -9.05 -11.06
N CYS A 400 3.13 -9.47 -12.02
CA CYS A 400 3.28 -9.01 -13.34
C CYS A 400 3.02 -7.52 -13.45
N PRO A 401 1.97 -6.99 -12.77
CA PRO A 401 1.88 -5.56 -12.95
C PRO A 401 3.11 -4.81 -12.30
N ALA A 402 3.77 -5.31 -11.22
CA ALA A 402 4.89 -4.47 -10.58
C ALA A 402 6.05 -4.56 -11.59
N LEU A 403 6.26 -5.71 -12.16
CA LEU A 403 7.35 -5.86 -13.13
C LEU A 403 7.16 -5.01 -14.39
N GLU A 404 5.95 -4.88 -14.88
CA GLU A 404 5.70 -4.05 -16.07
C GLU A 404 5.75 -2.55 -15.73
N PHE A 405 5.29 -2.18 -14.57
CA PHE A 405 5.53 -0.78 -14.15
C PHE A 405 7.00 -0.53 -14.20
N THR A 406 7.82 -1.43 -13.59
CA THR A 406 9.22 -1.06 -13.46
C THR A 406 9.84 -1.01 -14.88
N LYS A 407 9.46 -1.93 -15.80
CA LYS A 407 10.08 -1.87 -17.14
C LYS A 407 9.69 -0.58 -17.80
N LYS A 408 8.35 -0.32 -17.87
CA LYS A 408 7.97 0.91 -18.55
C LYS A 408 8.69 2.09 -17.93
N PHE A 409 8.70 2.16 -16.62
CA PHE A 409 9.34 3.29 -15.95
C PHE A 409 10.88 3.32 -16.31
N SER A 410 11.58 2.19 -16.25
CA SER A 410 13.03 2.27 -16.47
C SER A 410 13.26 2.71 -17.93
N GLU A 411 12.28 2.54 -18.80
CA GLU A 411 12.63 2.75 -20.25
C GLU A 411 12.82 4.22 -20.50
N TRP A 412 12.52 5.07 -19.55
CA TRP A 412 12.62 6.46 -19.88
C TRP A 412 13.78 6.97 -19.21
N GLY A 413 14.74 6.18 -18.79
CA GLY A 413 15.86 6.92 -18.38
C GLY A 413 16.30 6.72 -16.98
N ASN A 414 15.45 6.33 -15.98
CA ASN A 414 15.94 6.36 -14.65
C ASN A 414 16.32 5.02 -14.12
N ASN A 415 17.25 5.11 -13.19
CA ASN A 415 17.63 3.94 -12.45
C ASN A 415 16.43 3.33 -11.62
N ALA A 416 16.21 2.01 -11.72
CA ALA A 416 15.22 1.27 -10.92
C ALA A 416 15.87 0.09 -10.35
N PHE A 417 15.42 -0.28 -9.19
CA PHE A 417 15.88 -1.51 -8.61
C PHE A 417 14.74 -2.44 -8.30
N PHE A 418 14.85 -3.72 -8.61
CA PHE A 418 13.74 -4.64 -8.34
C PHE A 418 14.21 -5.75 -7.40
N TYR A 419 13.35 -6.07 -6.41
CA TYR A 419 13.68 -7.22 -5.49
C TYR A 419 12.55 -8.20 -5.48
N TYR A 420 12.92 -9.38 -5.02
CA TYR A 420 12.02 -10.50 -4.99
C TYR A 420 12.14 -11.11 -3.56
N PHE A 421 11.18 -10.79 -2.65
CA PHE A 421 11.35 -11.14 -1.26
C PHE A 421 10.96 -12.65 -1.02
N GLU A 422 11.87 -13.46 -0.49
CA GLU A 422 11.41 -14.83 -0.36
C GLU A 422 11.65 -15.46 0.97
N HIS A 423 11.76 -14.66 2.02
CA HIS A 423 11.81 -15.20 3.32
C HIS A 423 10.45 -15.33 4.03
N ARG A 424 10.07 -16.54 4.40
CA ARG A 424 8.99 -16.76 5.39
C ARG A 424 9.33 -16.51 6.91
N SER A 425 8.75 -15.45 7.50
CA SER A 425 8.87 -15.07 8.93
C SER A 425 8.76 -16.31 9.80
N SER A 426 9.76 -16.57 10.65
CA SER A 426 9.68 -17.66 11.65
C SER A 426 8.44 -17.51 12.55
N LYS A 427 8.00 -16.30 12.78
CA LYS A 427 6.80 -16.11 13.56
C LYS A 427 5.50 -16.06 12.69
N LEU A 428 5.45 -16.59 11.46
CA LEU A 428 4.23 -16.26 10.68
C LEU A 428 3.10 -17.08 11.34
N PRO A 429 1.90 -16.49 11.62
CA PRO A 429 0.79 -17.26 12.24
C PRO A 429 -0.03 -18.01 11.23
N TRP A 430 0.09 -17.70 9.90
CA TRP A 430 -0.69 -18.48 8.88
C TRP A 430 0.02 -19.79 8.54
N PRO A 431 -0.67 -20.76 7.95
CA PRO A 431 -0.06 -22.06 7.74
C PRO A 431 1.03 -22.02 6.71
N GLU A 432 1.92 -23.01 6.80
CA GLU A 432 3.04 -23.28 5.90
C GLU A 432 2.70 -23.23 4.42
N TRP A 433 1.69 -23.96 4.00
CA TRP A 433 1.35 -24.00 2.61
C TRP A 433 1.18 -22.60 2.06
N MET A 434 1.03 -21.58 2.89
CA MET A 434 0.70 -20.25 2.38
C MET A 434 1.97 -19.48 2.07
N GLY A 435 3.08 -19.95 2.59
CA GLY A 435 4.38 -19.53 2.06
C GLY A 435 4.76 -18.12 2.48
N VAL A 436 5.56 -17.43 1.62
CA VAL A 436 5.95 -15.99 1.80
C VAL A 436 4.85 -14.96 1.38
N MET A 437 3.91 -14.69 2.29
CA MET A 437 2.66 -14.10 2.01
C MET A 437 2.78 -12.62 1.75
N HIS A 438 1.76 -12.09 1.10
CA HIS A 438 1.52 -10.71 1.04
C HIS A 438 1.52 -10.01 2.38
N GLY A 439 2.28 -8.93 2.51
CA GLY A 439 2.23 -8.03 3.72
C GLY A 439 3.38 -8.41 4.63
N TYR A 440 4.20 -9.43 4.33
CA TYR A 440 4.96 -9.98 5.42
C TYR A 440 6.41 -9.64 5.23
N GLU A 441 6.67 -8.70 4.32
CA GLU A 441 7.98 -8.09 4.27
C GLU A 441 7.92 -6.88 5.20
N ILE A 442 6.76 -6.36 5.47
CA ILE A 442 6.68 -4.98 6.07
C ILE A 442 7.49 -4.93 7.33
N GLU A 443 7.38 -5.99 8.11
CA GLU A 443 7.97 -6.00 9.41
C GLU A 443 9.51 -6.01 9.29
N PHE A 444 10.07 -6.62 8.24
CA PHE A 444 11.52 -6.61 8.02
C PHE A 444 11.95 -5.20 7.65
N VAL A 445 11.12 -4.51 6.90
CA VAL A 445 11.51 -3.24 6.33
C VAL A 445 11.58 -2.23 7.52
N PHE A 446 10.55 -2.30 8.44
CA PHE A 446 10.44 -1.48 9.65
C PHE A 446 11.35 -1.83 10.78
N GLY A 447 11.99 -2.97 10.70
CA GLY A 447 13.03 -3.13 11.68
C GLY A 447 12.55 -3.92 12.87
N LEU A 448 11.40 -4.59 12.77
CA LEU A 448 10.88 -5.19 13.99
C LEU A 448 11.81 -6.29 14.53
N PRO A 449 12.40 -7.08 13.60
CA PRO A 449 13.32 -8.13 14.05
C PRO A 449 14.63 -7.69 14.65
N LEU A 450 14.94 -6.43 14.60
CA LEU A 450 16.13 -5.93 15.28
C LEU A 450 15.94 -6.01 16.80
N GLU A 451 14.69 -5.95 17.22
CA GLU A 451 14.31 -6.12 18.59
C GLU A 451 14.45 -7.60 18.95
N ARG A 452 15.68 -7.92 19.35
CA ARG A 452 16.10 -9.13 20.07
C ARG A 452 15.09 -9.70 21.10
N ARG A 453 14.62 -8.85 22.01
CA ARG A 453 13.60 -9.25 22.96
C ARG A 453 12.42 -10.09 22.37
N ASP A 454 12.36 -10.20 21.03
CA ASP A 454 11.13 -10.56 20.32
C ASP A 454 10.98 -11.91 19.55
N GLN A 455 11.85 -12.88 19.82
CA GLN A 455 11.58 -14.19 19.26
C GLN A 455 11.71 -14.26 17.70
N TYR A 456 12.58 -13.47 17.06
CA TYR A 456 12.90 -13.72 15.64
C TYR A 456 14.23 -14.43 15.67
N THR A 457 14.56 -15.22 14.64
CA THR A 457 15.90 -15.87 14.55
C THR A 457 17.06 -14.90 14.43
N LYS A 458 18.29 -15.36 14.68
CA LYS A 458 19.47 -14.55 14.35
C LYS A 458 19.43 -14.15 12.86
N ALA A 459 19.14 -15.14 12.03
CA ALA A 459 19.23 -14.96 10.63
C ALA A 459 18.24 -13.88 10.26
N GLU A 460 17.10 -13.88 10.94
CA GLU A 460 16.13 -12.81 10.65
C GLU A 460 16.57 -11.39 11.06
N GLU A 461 17.17 -11.24 12.23
CA GLU A 461 17.72 -9.94 12.58
C GLU A 461 18.69 -9.42 11.54
N ILE A 462 19.51 -10.33 11.05
CA ILE A 462 20.59 -10.00 10.11
C ILE A 462 19.96 -9.47 8.75
N LEU A 463 18.93 -10.20 8.27
CA LEU A 463 18.17 -9.90 7.03
C LEU A 463 17.53 -8.53 7.22
N SER A 464 16.87 -8.34 8.37
CA SER A 464 16.28 -7.07 8.62
C SER A 464 17.28 -5.90 8.62
N ARG A 465 18.46 -6.16 9.13
CA ARG A 465 19.34 -5.02 9.46
C ARG A 465 19.88 -4.61 8.10
N SER A 466 19.99 -5.63 7.29
CA SER A 466 20.49 -5.36 5.99
C SER A 466 19.46 -4.62 5.00
N ILE A 467 18.21 -5.13 4.98
CA ILE A 467 17.10 -4.43 4.34
C ILE A 467 16.94 -2.97 4.75
N VAL A 468 16.91 -2.78 6.06
CA VAL A 468 16.81 -1.43 6.60
C VAL A 468 17.94 -0.58 6.05
N LYS A 469 19.15 -1.11 6.01
CA LYS A 469 20.25 -0.29 5.50
C LYS A 469 20.06 -0.04 3.98
N ARG A 470 19.63 -1.08 3.23
CA ARG A 470 19.40 -0.81 1.73
C ARG A 470 18.34 0.26 1.41
N TRP A 471 17.25 0.26 2.18
CA TRP A 471 16.19 1.20 2.08
C TRP A 471 16.57 2.57 2.46
N ALA A 472 17.44 2.73 3.46
CA ALA A 472 17.88 4.00 3.94
C ALA A 472 18.98 4.58 3.06
N ASN A 473 19.84 3.71 2.57
CA ASN A 473 20.67 4.12 1.41
C ASN A 473 19.99 4.54 0.16
N PHE A 474 18.90 3.87 -0.20
CA PHE A 474 18.13 4.36 -1.35
C PHE A 474 17.58 5.76 -1.10
N ALA A 475 17.00 5.89 0.08
CA ALA A 475 16.32 7.12 0.36
C ALA A 475 17.35 8.25 0.33
N LYS A 476 18.46 8.14 1.00
CA LYS A 476 19.46 9.24 1.07
C LYS A 476 20.28 9.33 -0.23
N TYR A 477 20.48 8.25 -0.99
CA TYR A 477 21.56 8.25 -1.97
C TYR A 477 21.11 7.81 -3.32
N GLY A 478 19.88 7.30 -3.37
CA GLY A 478 19.26 6.82 -4.55
C GLY A 478 19.88 5.50 -4.97
N ASN A 479 20.56 4.76 -4.09
CA ASN A 479 21.15 3.48 -4.50
C ASN A 479 21.01 2.47 -3.41
N PRO A 480 20.28 1.31 -3.56
CA PRO A 480 20.13 0.55 -2.31
C PRO A 480 21.21 -0.40 -2.01
N GLN A 481 22.45 0.05 -1.92
CA GLN A 481 23.50 -0.95 -1.60
C GLN A 481 23.65 -1.07 -0.10
N GLU A 482 24.11 -2.25 0.35
CA GLU A 482 24.73 -2.36 1.68
C GLU A 482 26.25 -2.36 1.41
N THR A 483 26.96 -1.29 1.81
CA THR A 483 28.34 -1.25 1.25
C THR A 483 29.47 -1.91 2.13
N GLN A 484 29.17 -2.27 3.40
CA GLN A 484 30.18 -2.58 4.38
C GLN A 484 30.38 -4.07 4.58
N ASN A 485 29.32 -4.83 4.52
CA ASN A 485 29.47 -6.17 4.99
C ASN A 485 29.64 -7.20 3.86
N ASN A 486 30.45 -6.84 2.84
CA ASN A 486 30.69 -7.71 1.63
C ASN A 486 29.35 -8.15 0.99
N SER A 487 28.39 -7.23 0.82
CA SER A 487 27.08 -7.73 0.41
C SER A 487 27.05 -7.81 -1.12
N THR A 488 26.40 -8.83 -1.67
CA THR A 488 25.93 -8.83 -3.05
C THR A 488 25.43 -7.44 -3.45
N SER A 489 26.00 -6.98 -4.55
CA SER A 489 25.67 -5.72 -5.22
C SER A 489 24.32 -5.75 -6.02
N TRP A 490 23.46 -4.74 -5.84
CA TRP A 490 22.12 -4.81 -6.35
C TRP A 490 22.17 -4.08 -7.69
N PRO A 491 22.00 -4.79 -8.85
CA PRO A 491 22.09 -4.11 -10.15
C PRO A 491 20.93 -3.20 -10.49
N VAL A 492 21.08 -2.20 -11.34
CA VAL A 492 19.86 -1.55 -11.69
C VAL A 492 19.07 -2.49 -12.65
N PHE A 493 17.73 -2.41 -12.63
CA PHE A 493 16.83 -3.13 -13.58
C PHE A 493 16.68 -2.35 -14.87
N LYS A 494 16.91 -3.02 -16.00
CA LYS A 494 16.87 -2.40 -17.30
C LYS A 494 15.95 -3.24 -18.13
N SER A 495 15.23 -2.58 -19.06
CA SER A 495 14.56 -3.32 -20.12
C SER A 495 15.60 -3.89 -21.06
N THR A 496 15.69 -5.20 -21.08
CA THR A 496 16.73 -5.94 -21.73
C THR A 496 17.04 -7.01 -20.73
N GLU A 497 17.97 -6.80 -19.79
CA GLU A 497 18.32 -7.96 -18.96
C GLU A 497 17.36 -8.22 -17.78
N GLN A 498 16.66 -7.19 -17.38
CA GLN A 498 15.75 -7.29 -16.27
C GLN A 498 16.31 -8.01 -15.05
N LYS A 499 17.39 -7.50 -14.51
CA LYS A 499 17.98 -8.10 -13.33
C LYS A 499 17.25 -7.64 -12.11
N TYR A 500 17.07 -8.63 -11.24
CA TYR A 500 16.57 -8.43 -9.82
C TYR A 500 17.44 -9.17 -8.78
N LEU A 501 17.32 -8.68 -7.57
CA LEU A 501 17.92 -9.25 -6.35
C LEU A 501 16.88 -10.01 -5.43
N THR A 502 17.26 -11.23 -5.00
CA THR A 502 16.43 -12.00 -4.15
C THR A 502 16.88 -11.66 -2.72
N LEU A 503 15.89 -11.48 -1.78
CA LEU A 503 16.08 -11.19 -0.34
C LEU A 503 15.71 -12.47 0.40
N ASN A 504 16.69 -13.18 0.97
CA ASN A 504 16.41 -14.30 1.89
C ASN A 504 17.53 -14.40 2.96
N THR A 505 17.34 -15.22 4.01
CA THR A 505 18.26 -15.26 5.11
C THR A 505 19.54 -15.93 4.67
N GLU A 506 19.48 -16.85 3.72
CA GLU A 506 20.73 -17.37 3.18
C GLU A 506 21.43 -16.45 2.15
N SER A 507 21.69 -16.91 0.94
CA SER A 507 22.46 -16.01 0.07
C SER A 507 21.51 -15.26 -0.79
N THR A 508 21.85 -14.01 -1.02
CA THR A 508 21.02 -13.31 -1.90
C THR A 508 21.59 -13.25 -3.30
N ARG A 509 20.76 -13.46 -4.30
CA ARG A 509 21.26 -13.62 -5.60
C ARG A 509 20.80 -12.58 -6.59
N ILE A 510 21.64 -12.34 -7.62
CA ILE A 510 21.20 -11.68 -8.84
C ILE A 510 20.55 -12.75 -9.78
N MET A 511 19.25 -12.57 -10.10
CA MET A 511 18.58 -13.31 -11.19
C MET A 511 18.03 -12.39 -12.26
N THR A 512 17.39 -12.99 -13.26
CA THR A 512 16.89 -12.32 -14.53
C THR A 512 15.43 -12.68 -14.87
N LYS A 513 14.65 -11.67 -15.28
CA LYS A 513 13.36 -11.95 -15.91
C LYS A 513 12.46 -12.77 -15.01
N LEU A 514 12.21 -12.32 -13.78
CA LEU A 514 11.20 -12.94 -12.93
C LEU A 514 9.88 -13.28 -13.70
N ARG A 515 9.36 -14.47 -13.56
CA ARG A 515 8.03 -14.82 -14.08
C ARG A 515 7.91 -14.50 -15.53
N ALA A 516 8.93 -14.87 -16.32
CA ALA A 516 8.97 -14.41 -17.68
C ALA A 516 7.76 -14.99 -18.38
N GLN A 517 7.57 -16.32 -18.34
CA GLN A 517 6.51 -16.98 -19.16
C GLN A 517 5.13 -16.56 -18.71
N GLN A 518 4.95 -16.39 -17.40
CA GLN A 518 3.66 -15.97 -16.83
C GLN A 518 3.28 -14.58 -17.12
N CYS A 519 4.20 -13.62 -17.13
CA CYS A 519 3.79 -12.27 -17.35
C CYS A 519 3.57 -12.06 -18.85
N ARG A 520 4.26 -12.83 -19.71
CA ARG A 520 3.90 -12.85 -21.15
C ARG A 520 2.40 -13.18 -21.29
N PHE A 521 1.92 -14.17 -20.57
CA PHE A 521 0.45 -14.39 -20.50
C PHE A 521 -0.39 -13.20 -19.94
N TRP A 522 -0.04 -12.66 -18.76
CA TRP A 522 -0.93 -11.70 -18.14
C TRP A 522 -0.93 -10.41 -18.92
N THR A 523 0.26 -10.08 -19.37
CA THR A 523 0.59 -8.80 -19.94
C THR A 523 0.30 -8.72 -21.41
N SER A 524 0.48 -9.77 -22.19
CA SER A 524 0.14 -9.50 -23.60
C SER A 524 -1.16 -10.06 -24.01
N PHE A 525 -1.36 -11.34 -23.73
CA PHE A 525 -2.59 -12.02 -24.06
C PHE A 525 -3.93 -11.74 -23.22
N PHE A 526 -3.93 -12.11 -21.92
CA PHE A 526 -5.10 -11.83 -21.02
C PHE A 526 -5.85 -10.50 -21.21
N PRO A 527 -5.14 -9.38 -21.38
CA PRO A 527 -5.86 -8.08 -21.41
C PRO A 527 -6.85 -7.99 -22.55
N LYS A 528 -6.79 -9.01 -23.41
CA LYS A 528 -7.61 -9.09 -24.59
C LYS A 528 -8.96 -9.78 -24.39
N VAL A 529 -8.92 -10.97 -23.74
CA VAL A 529 -10.15 -11.67 -23.32
C VAL A 529 -11.27 -10.70 -22.70
C1 NAG B . -9.97 -28.07 4.51
C2 NAG B . -10.73 -29.27 3.96
C3 NAG B . -11.79 -28.91 2.96
C4 NAG B . -12.80 -28.06 3.65
C5 NAG B . -11.95 -26.88 4.02
C6 NAG B . -12.66 -25.68 4.64
C7 NAG B . -8.98 -31.01 3.91
C8 NAG B . -9.03 -31.48 5.34
N2 NAG B . -9.90 -30.25 3.34
O3 NAG B . -12.51 -30.03 2.56
O4 NAG B . -13.70 -27.85 2.61
O5 NAG B . -11.01 -27.27 5.00
O6 NAG B . -14.03 -25.80 5.01
O7 NAG B . -8.06 -31.39 3.22
C1 NAG B . -15.08 -27.91 2.94
C2 NAG B . -15.81 -26.80 2.17
C3 NAG B . -17.34 -26.94 2.30
C4 NAG B . -17.68 -28.21 1.52
C5 NAG B . -17.07 -29.18 2.54
C6 NAG B . -17.55 -30.60 2.33
C7 NAG B . -14.97 -24.51 1.58
C8 NAG B . -14.00 -23.41 2.03
N2 NAG B . -15.33 -25.45 2.48
O3 NAG B . -18.05 -25.80 1.83
O4 NAG B . -19.07 -28.38 1.14
O5 NAG B . -15.64 -29.19 2.67
O6 NAG B . -17.70 -30.78 3.70
O7 NAG B . -15.39 -24.51 0.41
C1 FUL B . -14.13 -26.29 6.35
C2 FUL B . -15.44 -26.06 7.10
O2 FUL B . -16.52 -26.09 6.20
C3 FUL B . -15.43 -27.26 8.06
O3 FUL B . -15.45 -26.82 9.42
C4 FUL B . -14.15 -28.10 7.81
O4 FUL B . -14.03 -29.09 8.80
C5 FUL B . -12.76 -27.38 7.62
C6 FUL B . -11.57 -27.53 8.63
O5 FUL B . -13.05 -26.04 7.24
C1 NAG C . 20.15 20.56 3.72
C2 NAG C . 20.51 22.09 3.70
C3 NAG C . 20.06 22.86 2.40
C4 NAG C . 20.63 22.18 1.15
C5 NAG C . 20.01 20.74 1.26
C6 NAG C . 19.85 19.88 -0.06
C7 NAG C . 20.85 22.38 6.15
C8 NAG C . 22.21 21.72 6.07
N2 NAG C . 20.19 22.70 5.01
O3 NAG C . 20.43 24.21 2.31
O4 NAG C . 20.39 22.97 -0.02
O5 NAG C . 20.60 20.05 2.41
O6 NAG C . 20.23 18.49 0.05
O7 NAG C . 20.40 22.57 7.27
C1 FUL C . 19.80 17.63 -1.04
C2 FUL C . 20.19 16.17 -0.89
O2 FUL C . 20.62 15.82 0.41
C3 FUL C . 18.86 15.58 -1.28
O3 FUL C . 18.81 14.15 -1.12
C4 FUL C . 18.60 16.03 -2.73
O4 FUL C . 19.51 15.36 -3.54
C5 FUL C . 18.76 17.55 -2.99
C6 FUL C . 18.57 18.00 -4.45
O5 FUL C . 19.97 17.97 -2.41
C1 NAG D . -24.04 -1.32 -12.61
C2 NAG D . -23.58 -2.75 -12.89
C3 NAG D . -24.83 -3.60 -13.25
C4 NAG D . -25.87 -3.69 -12.14
C5 NAG D . -26.19 -2.23 -11.84
C6 NAG D . -27.12 -2.06 -10.63
C7 NAG D . -21.31 -3.65 -13.67
C8 NAG D . -20.45 -3.84 -14.92
N2 NAG D . -22.40 -2.79 -13.80
O3 NAG D . -24.54 -4.95 -13.41
O4 NAG D . -27.01 -4.42 -12.64
O5 NAG D . -25.01 -1.48 -11.57
O6 NAG D . -27.46 -3.32 -10.09
O7 NAG D . -20.95 -4.30 -12.66
C1 NAG D . -27.24 -5.82 -12.29
C2 NAG D . -28.77 -6.20 -12.25
C3 NAG D . -28.96 -7.69 -11.81
C4 NAG D . -28.22 -8.68 -12.72
C5 NAG D . -26.72 -8.19 -12.81
C6 NAG D . -25.90 -9.00 -13.81
C7 NAG D . -30.38 -4.30 -11.74
C8 NAG D . -31.25 -3.75 -10.59
N2 NAG D . -29.54 -5.33 -11.37
O3 NAG D . -30.32 -8.10 -11.77
O4 NAG D . -28.45 -10.04 -12.29
O5 NAG D . -26.55 -6.77 -13.13
O6 NAG D . -25.49 -8.08 -14.79
O7 NAG D . -30.42 -3.82 -12.92
C1 FUL D . -27.53 -3.32 -8.64
C2 FUL D . -27.48 -4.70 -8.00
O2 FUL D . -27.13 -5.76 -8.88
C3 FUL D . -26.32 -4.35 -7.09
O3 FUL D . -25.81 -5.53 -6.44
C4 FUL D . -26.78 -3.13 -6.24
O4 FUL D . -27.71 -3.54 -5.27
C5 FUL D . -27.48 -1.97 -6.95
C6 FUL D . -28.21 -1.10 -5.95
O5 FUL D . -28.39 -2.47 -7.89
C5 TC5 E . -7.77 -5.58 -2.76
C4 TC5 E . -6.52 -5.10 -3.44
C3 TC5 E . -5.33 -5.67 -2.61
N TC5 E . -4.50 -4.50 -2.46
P TC5 E . -3.50 -4.15 -0.95
O2 TC5 E . -3.76 -2.79 -0.32
O3 TC5 E . -3.72 -5.43 0.29
C1 TC5 E . -5.00 -6.10 0.48
C2 TC5 E . -4.84 -7.20 1.59
CL CL F . 24.60 -10.76 0.72
S SO4 G . 9.30 -19.08 -7.24
O1 SO4 G . 8.02 -19.76 -7.08
O2 SO4 G . 9.49 -18.06 -6.21
O3 SO4 G . 10.38 -20.06 -7.04
O4 SO4 G . 9.45 -18.57 -8.62
NA NA H . -4.28 -17.71 -25.82
CL CL I . 5.54 -34.88 -10.82
S SO4 J . 19.15 8.12 -12.61
O1 SO4 J . 19.84 9.06 -11.75
O2 SO4 J . 17.71 7.98 -12.41
O3 SO4 J . 19.71 6.78 -12.44
O4 SO4 J . 19.42 8.55 -13.95
CL CL K . 9.94 -17.14 -12.10
C1 NAG L . -0.76 18.16 27.27
C2 NAG L . -1.73 18.61 28.36
C3 NAG L . -0.96 19.37 29.44
C4 NAG L . 0.08 18.38 30.06
C5 NAG L . 0.94 17.74 28.97
C6 NAG L . 2.04 16.70 29.40
C7 NAG L . -4.03 18.62 27.43
C8 NAG L . -4.26 17.11 27.67
N2 NAG L . -2.89 19.27 27.77
O3 NAG L . -1.89 19.93 30.36
O4 NAG L . 1.00 18.98 30.94
O5 NAG L . 0.11 17.22 27.93
O6 NAG L . 1.93 16.10 30.68
O7 NAG L . -4.93 19.27 26.90
C1 NAG M . 27.67 -5.66 9.59
C2 NAG M . 26.23 -5.19 9.94
C3 NAG M . 25.71 -5.62 11.40
C4 NAG M . 26.75 -6.43 12.25
C5 NAG M . 28.00 -6.94 11.47
C6 NAG M . 28.61 -8.25 11.98
C7 NAG M . 24.88 -3.80 8.41
C8 NAG M . 24.32 -2.53 7.80
N2 NAG M . 25.90 -3.85 9.38
O3 NAG M . 24.50 -6.42 11.38
O4 NAG M . 27.26 -5.69 13.38
O5 NAG M . 27.80 -7.00 10.06
O6 NAG M . 29.83 -8.42 11.27
O7 NAG M . 24.31 -4.80 7.97
C1 NAG N . -30.49 21.33 -8.86
C2 NAG N . -29.38 22.26 -9.34
C3 NAG N . -28.38 22.25 -8.16
C4 NAG N . -29.01 22.96 -6.93
C5 NAG N . -30.52 22.64 -6.71
C6 NAG N . -31.31 23.89 -6.21
C7 NAG N . -29.62 21.88 -11.86
C8 NAG N . -29.52 23.02 -12.85
N2 NAG N . -28.87 21.94 -10.69
O3 NAG N . -27.20 22.89 -8.54
O4 NAG N . -28.29 22.75 -5.72
O5 NAG N . -31.24 22.01 -7.84
O6 NAG N . -31.28 24.09 -4.80
O7 NAG N . -30.38 20.93 -12.17
#